data_3I9F
#
_entry.id   3I9F
#
_cell.length_a   116.728
_cell.length_b   116.728
_cell.length_c   116.728
_cell.angle_alpha   90.000
_cell.angle_beta   90.000
_cell.angle_gamma   90.000
#
_symmetry.space_group_name_H-M   'P 21 3'
#
loop_
_entity.id
_entity.type
_entity.pdbx_description
1 polymer 'Putative type 11 methyltransferase'
2 non-polymer 'ZINC ION'
3 water water
#
_entity_poly.entity_id   1
_entity_poly.type   'polypeptide(L)'
_entity_poly.pdbx_seq_one_letter_code
;MSLERPEEYLPNIFEGKKGVIVDYGCGNGFYCKYLLEFATKLYCIDINVIALKEVKEKFDSVITLSDPKEIPDNSVDFIL
FANSFHDMDDKQHVISEVKRILKDDGRVIIIDWRKENTGIGPPLSIRMDEKDYMGWFSNFVVEKRFNPTPYHFGLVLKRK
TSEGHHHHHH
;
_entity_poly.pdbx_strand_id   A,B
#
# COMPACT_ATOMS: atom_id res chain seq x y z
N PRO A 6 -0.32 20.96 -19.55
CA PRO A 6 0.00 19.66 -18.92
C PRO A 6 -0.47 18.48 -19.74
N GLU A 7 -1.70 18.58 -20.22
CA GLU A 7 -2.11 17.93 -21.49
C GLU A 7 -1.10 18.23 -22.61
N GLU A 8 -0.42 19.38 -22.55
CA GLU A 8 0.47 19.83 -23.62
C GLU A 8 1.67 18.89 -23.79
N TYR A 9 2.16 18.36 -22.66
CA TYR A 9 3.44 17.62 -22.64
C TYR A 9 3.34 16.18 -22.15
N LEU A 10 2.49 15.91 -21.18
CA LEU A 10 2.43 14.58 -20.59
C LEU A 10 2.13 13.47 -21.58
N PRO A 11 1.12 13.65 -22.47
CA PRO A 11 0.73 12.56 -23.38
C PRO A 11 1.87 12.16 -24.29
N ASN A 12 2.61 13.13 -24.81
CA ASN A 12 3.84 12.82 -25.52
C ASN A 12 4.69 11.75 -24.77
N ILE A 13 4.78 11.86 -23.44
CA ILE A 13 5.64 10.97 -22.63
C ILE A 13 5.03 9.57 -22.38
N PHE A 14 3.77 9.52 -21.95
CA PHE A 14 3.05 8.26 -21.68
C PHE A 14 2.25 7.74 -22.85
N GLU A 15 2.32 8.45 -23.98
CA GLU A 15 1.47 8.17 -25.15
C GLU A 15 1.50 6.67 -25.45
N GLY A 16 2.71 6.13 -25.65
CA GLY A 16 2.84 4.73 -26.01
C GLY A 16 2.37 3.70 -24.96
N LYS A 17 2.85 3.85 -23.72
CA LYS A 17 2.79 2.77 -22.74
C LYS A 17 2.11 3.14 -21.42
N LYS A 18 0.81 2.84 -21.28
CA LYS A 18 0.11 2.92 -19.97
C LYS A 18 0.74 1.93 -18.97
N GLY A 19 0.61 2.18 -17.66
CA GLY A 19 1.29 1.32 -16.64
C GLY A 19 1.30 1.78 -15.17
N VAL A 20 2.25 1.27 -14.39
CA VAL A 20 2.33 1.58 -12.93
C VAL A 20 3.09 2.84 -12.78
N ILE A 21 2.45 3.84 -12.21
CA ILE A 21 3.04 5.18 -12.07
C ILE A 21 3.19 5.54 -10.56
N VAL A 22 4.27 6.24 -10.24
CA VAL A 22 4.44 6.81 -8.94
C VAL A 22 4.58 8.31 -9.01
N ASP A 23 3.66 9.03 -8.41
CA ASP A 23 3.82 10.44 -8.17
C ASP A 23 4.59 10.71 -6.85
N TYR A 24 5.90 10.91 -6.97
CA TYR A 24 6.79 10.94 -5.80
C TYR A 24 6.94 12.36 -5.29
N GLY A 25 6.25 12.67 -4.21
CA GLY A 25 6.22 14.04 -3.66
C GLY A 25 5.09 14.86 -4.25
N CYS A 26 3.88 14.36 -4.16
CA CYS A 26 2.77 14.95 -4.88
C CYS A 26 2.32 16.31 -4.34
N GLY A 27 2.50 16.55 -3.04
CA GLY A 27 2.11 17.84 -2.41
C GLY A 27 0.75 18.39 -2.86
N ASN A 28 0.80 19.47 -3.66
CA ASN A 28 -0.37 20.07 -4.38
C ASN A 28 -1.48 19.06 -4.79
N GLY A 29 -1.10 18.00 -5.50
CA GLY A 29 -2.05 17.00 -6.02
C GLY A 29 -2.45 17.33 -7.44
N PHE A 30 -1.72 18.31 -8.00
CA PHE A 30 -1.96 18.89 -9.30
C PHE A 30 -1.88 17.79 -10.36
N TYR A 31 -0.78 17.04 -10.35
CA TYR A 31 -0.50 16.14 -11.45
C TYR A 31 -1.30 14.85 -11.44
N CYS A 32 -2.01 14.57 -10.36
CA CYS A 32 -2.68 13.30 -10.23
C CYS A 32 -3.79 13.04 -11.24
N LYS A 33 -4.63 14.04 -11.47
CA LYS A 33 -5.71 13.84 -12.42
C LYS A 33 -5.18 13.54 -13.80
N TYR A 34 -4.05 14.17 -14.15
CA TYR A 34 -3.36 13.94 -15.41
C TYR A 34 -2.66 12.63 -15.47
N LEU A 35 -2.43 11.96 -14.35
CA LEU A 35 -1.72 10.68 -14.41
C LEU A 35 -2.71 9.54 -14.37
N LEU A 36 -3.85 9.76 -13.71
CA LEU A 36 -4.87 8.72 -13.62
C LEU A 36 -5.26 8.12 -14.97
N GLU A 37 -5.28 8.93 -16.04
CA GLU A 37 -5.71 8.43 -17.35
C GLU A 37 -4.75 7.41 -17.91
N PHE A 38 -3.49 7.48 -17.52
CA PHE A 38 -2.47 6.57 -18.02
C PHE A 38 -2.08 5.43 -17.07
N ALA A 39 -2.71 5.39 -15.89
CA ALA A 39 -2.22 4.52 -14.80
C ALA A 39 -3.02 3.21 -14.63
N THR A 40 -2.34 2.08 -14.73
CA THR A 40 -2.91 0.82 -14.27
C THR A 40 -3.01 0.90 -12.73
N LYS A 41 -1.89 1.26 -12.07
CA LYS A 41 -1.91 1.67 -10.64
C LYS A 41 -1.20 2.98 -10.50
N LEU A 42 -1.74 3.83 -9.64
CA LEU A 42 -1.09 5.08 -9.30
C LEU A 42 -0.79 5.14 -7.80
N TYR A 43 0.48 5.32 -7.45
CA TYR A 43 0.83 5.60 -6.06
C TYR A 43 1.16 7.06 -5.92
N CYS A 44 0.69 7.71 -4.85
CA CYS A 44 1.16 9.03 -4.45
C CYS A 44 1.88 8.99 -3.12
N ILE A 45 3.12 9.46 -3.11
CA ILE A 45 3.97 9.42 -1.96
C ILE A 45 4.25 10.81 -1.49
N ASP A 46 4.03 11.06 -0.21
CA ASP A 46 4.35 12.37 0.33
C ASP A 46 4.44 12.25 1.82
N ILE A 47 5.46 12.92 2.38
CA ILE A 47 5.72 12.91 3.84
C ILE A 47 4.60 13.65 4.63
N ASN A 48 3.98 14.64 3.99
CA ASN A 48 2.87 15.46 4.52
C ASN A 48 1.52 14.72 4.50
N VAL A 49 1.01 14.39 5.70
CA VAL A 49 -0.19 13.60 5.85
C VAL A 49 -1.46 14.31 5.40
N ILE A 50 -1.59 15.62 5.66
CA ILE A 50 -2.74 16.43 5.16
C ILE A 50 -2.88 16.32 3.62
N ALA A 51 -1.76 16.47 2.94
CA ALA A 51 -1.74 16.43 1.50
C ALA A 51 -2.21 15.07 0.97
N LEU A 52 -1.77 13.99 1.62
CA LEU A 52 -2.26 12.67 1.30
C LEU A 52 -3.76 12.50 1.55
N LYS A 53 -4.29 13.10 2.60
CA LYS A 53 -5.74 13.01 2.86
C LYS A 53 -6.57 13.65 1.75
N GLU A 54 -6.10 14.81 1.27
CA GLU A 54 -6.78 15.57 0.24
C GLU A 54 -6.87 14.75 -1.02
N VAL A 55 -5.79 14.07 -1.33
CA VAL A 55 -5.77 13.15 -2.47
C VAL A 55 -6.69 11.94 -2.27
N LYS A 56 -6.68 11.27 -1.11
CA LYS A 56 -7.61 10.14 -0.89
C LYS A 56 -9.07 10.56 -0.97
N GLU A 57 -9.38 11.78 -0.53
CA GLU A 57 -10.74 12.32 -0.60
C GLU A 57 -11.22 12.50 -2.07
N LYS A 58 -10.34 12.91 -2.98
CA LYS A 58 -10.74 13.08 -4.39
C LYS A 58 -10.65 11.78 -5.14
N PHE A 59 -9.59 11.02 -4.91
CA PHE A 59 -9.27 9.92 -5.79
C PHE A 59 -9.11 8.62 -5.04
N ASP A 60 -10.20 7.88 -4.87
CA ASP A 60 -10.13 6.65 -4.07
C ASP A 60 -9.26 5.51 -4.62
N SER A 61 -8.90 5.55 -5.91
CA SER A 61 -8.18 4.41 -6.52
C SER A 61 -6.69 4.53 -6.28
N VAL A 62 -6.27 5.75 -5.99
CA VAL A 62 -4.86 6.05 -5.75
C VAL A 62 -4.41 5.39 -4.44
N ILE A 63 -3.23 4.76 -4.49
CA ILE A 63 -2.63 4.20 -3.29
C ILE A 63 -1.75 5.27 -2.66
N THR A 64 -2.15 5.81 -1.51
CA THR A 64 -1.33 6.78 -0.80
C THR A 64 -0.33 6.10 0.19
N LEU A 65 0.91 6.59 0.18
CA LEU A 65 1.99 6.07 0.96
C LEU A 65 2.82 7.23 1.55
N SER A 66 3.21 7.11 2.81
CA SER A 66 4.21 8.06 3.36
C SER A 66 5.60 7.85 2.82
N ASP A 67 5.85 6.75 2.10
CA ASP A 67 7.21 6.33 1.78
C ASP A 67 7.07 5.18 0.78
N PRO A 68 8.07 4.96 -0.04
CA PRO A 68 7.90 3.95 -1.08
C PRO A 68 8.18 2.51 -0.70
N LYS A 69 8.40 2.25 0.58
CA LYS A 69 8.75 0.92 1.07
C LYS A 69 7.84 -0.20 0.61
N GLU A 70 6.55 0.03 0.65
CA GLU A 70 5.62 -1.03 0.33
C GLU A 70 5.35 -1.18 -1.17
N ILE A 71 6.04 -0.39 -2.02
CA ILE A 71 5.97 -0.56 -3.44
C ILE A 71 6.88 -1.73 -3.79
N PRO A 72 6.35 -2.74 -4.50
CA PRO A 72 7.18 -3.91 -4.78
C PRO A 72 8.32 -3.59 -5.72
N ASP A 73 9.40 -4.38 -5.57
CA ASP A 73 10.63 -4.24 -6.32
C ASP A 73 10.32 -4.46 -7.77
N ASN A 74 11.01 -3.75 -8.64
CA ASN A 74 10.88 -4.00 -10.06
C ASN A 74 9.42 -4.04 -10.52
N SER A 75 8.68 -3.00 -10.20
CA SER A 75 7.27 -2.99 -10.49
C SER A 75 6.80 -1.70 -11.14
N VAL A 76 7.64 -0.69 -11.22
CA VAL A 76 7.17 0.62 -11.58
C VAL A 76 7.67 1.02 -12.98
N ASP A 77 6.75 1.58 -13.77
CA ASP A 77 7.01 1.98 -15.14
C ASP A 77 7.49 3.45 -15.20
N PHE A 78 6.80 4.37 -14.53
CA PHE A 78 7.21 5.76 -14.49
C PHE A 78 7.21 6.34 -13.08
N ILE A 79 8.19 7.16 -12.75
CA ILE A 79 8.20 7.93 -11.50
C ILE A 79 8.24 9.42 -11.82
N LEU A 80 7.36 10.19 -11.22
CA LEU A 80 7.32 11.62 -11.49
C LEU A 80 7.76 12.40 -10.26
N PHE A 81 8.69 13.32 -10.44
CA PHE A 81 9.03 14.27 -9.39
C PHE A 81 8.66 15.58 -9.99
N ALA A 82 7.46 16.08 -9.66
CA ALA A 82 7.01 17.39 -10.14
C ALA A 82 7.31 18.44 -9.11
N ASN A 83 8.39 19.20 -9.31
CA ASN A 83 8.75 20.27 -8.37
C ASN A 83 8.93 19.77 -6.92
N SER A 84 9.37 18.52 -6.73
CA SER A 84 9.29 17.88 -5.43
C SER A 84 10.66 17.48 -4.83
N PHE A 85 11.59 17.11 -5.69
CA PHE A 85 12.85 16.53 -5.25
C PHE A 85 13.77 17.52 -4.51
N HIS A 86 13.78 18.80 -4.92
CA HIS A 86 14.81 19.73 -4.45
C HIS A 86 14.81 19.87 -2.95
N ASP A 87 13.62 19.87 -2.35
CA ASP A 87 13.48 19.94 -0.91
C ASP A 87 13.03 18.65 -0.22
N MET A 88 13.12 17.52 -0.92
CA MET A 88 12.81 16.26 -0.31
C MET A 88 13.91 15.88 0.67
N ASP A 89 13.50 15.34 1.80
CA ASP A 89 14.39 14.68 2.73
C ASP A 89 15.03 13.44 2.16
N ASP A 90 16.18 13.11 2.73
CA ASP A 90 16.85 11.86 2.47
C ASP A 90 16.96 11.55 0.98
N LYS A 91 17.66 12.44 0.28
CA LYS A 91 17.79 12.31 -1.17
C LYS A 91 18.45 11.00 -1.57
N GLN A 92 19.47 10.52 -0.85
CA GLN A 92 20.16 9.25 -1.14
CA GLN A 92 20.11 9.28 -1.24
C GLN A 92 19.16 8.11 -1.04
N HIS A 93 18.37 8.13 0.00
CA HIS A 93 17.42 7.05 0.24
C HIS A 93 16.40 7.10 -0.88
N VAL A 94 16.10 8.31 -1.33
CA VAL A 94 15.15 8.46 -2.41
C VAL A 94 15.67 7.83 -3.68
N ILE A 95 16.89 8.16 -4.04
CA ILE A 95 17.47 7.62 -5.26
C ILE A 95 17.57 6.10 -5.17
N SER A 96 17.94 5.61 -3.99
CA SER A 96 18.05 4.19 -3.78
C SER A 96 16.71 3.45 -3.95
N GLU A 97 15.63 4.06 -3.45
CA GLU A 97 14.29 3.50 -3.60
C GLU A 97 13.73 3.60 -5.04
N VAL A 98 14.09 4.66 -5.72
CA VAL A 98 13.77 4.82 -7.12
C VAL A 98 14.42 3.66 -7.89
N LYS A 99 15.70 3.41 -7.68
CA LYS A 99 16.35 2.26 -8.34
C LYS A 99 15.72 0.93 -8.00
N ARG A 100 15.19 0.76 -6.79
CA ARG A 100 14.66 -0.52 -6.42
C ARG A 100 13.33 -0.75 -7.07
N ILE A 101 12.48 0.25 -7.10
CA ILE A 101 11.10 0.02 -7.53
C ILE A 101 10.93 0.10 -9.04
N LEU A 102 11.86 0.74 -9.72
CA LEU A 102 11.74 0.99 -11.13
C LEU A 102 12.13 -0.29 -11.94
N LYS A 103 11.31 -0.65 -12.93
CA LYS A 103 11.65 -1.75 -13.85
C LYS A 103 12.89 -1.34 -14.64
N ASP A 104 13.62 -2.31 -15.16
CA ASP A 104 14.80 -2.01 -16.01
C ASP A 104 14.51 -1.07 -17.17
N ASP A 105 13.33 -1.21 -17.74
CA ASP A 105 12.84 -0.37 -18.85
C ASP A 105 12.03 0.88 -18.42
N GLY A 106 12.02 1.20 -17.14
CA GLY A 106 11.18 2.30 -16.62
C GLY A 106 11.75 3.68 -16.91
N ARG A 107 10.98 4.73 -16.61
CA ARG A 107 11.46 6.08 -16.82
C ARG A 107 11.19 6.99 -15.60
N VAL A 108 12.06 7.98 -15.41
CA VAL A 108 11.92 8.91 -14.31
C VAL A 108 11.64 10.22 -14.95
N ILE A 109 10.62 10.92 -14.49
CA ILE A 109 10.26 12.15 -15.12
C ILE A 109 10.53 13.26 -14.16
N ILE A 110 11.32 14.26 -14.56
CA ILE A 110 11.66 15.36 -13.68
C ILE A 110 11.04 16.62 -14.23
N ILE A 111 10.31 17.32 -13.38
CA ILE A 111 9.85 18.65 -13.70
C ILE A 111 10.20 19.53 -12.54
N ASP A 112 10.97 20.59 -12.79
CA ASP A 112 11.31 21.54 -11.73
C ASP A 112 11.56 22.97 -12.24
N TRP A 113 11.57 23.91 -11.30
CA TRP A 113 11.79 25.36 -11.57
C TRP A 113 13.16 25.62 -12.13
N ARG A 114 13.27 26.58 -13.05
CA ARG A 114 14.55 26.90 -13.68
C ARG A 114 15.41 27.67 -12.69
N LYS A 115 16.72 27.47 -12.76
CA LYS A 115 17.65 28.05 -11.78
C LYS A 115 18.01 29.49 -12.17
N GLU A 116 16.99 30.34 -12.20
CA GLU A 116 17.09 31.73 -12.61
C GLU A 116 16.18 32.49 -11.67
N ASN A 117 16.38 33.80 -11.56
CA ASN A 117 15.39 34.59 -10.85
C ASN A 117 14.18 34.68 -11.76
N THR A 118 13.08 34.10 -11.31
CA THR A 118 11.85 34.08 -12.10
C THR A 118 10.82 35.02 -11.51
N GLY A 119 10.99 35.39 -10.23
CA GLY A 119 10.16 36.40 -9.57
C GLY A 119 9.17 35.67 -8.69
N ILE A 120 8.40 34.76 -9.30
CA ILE A 120 7.53 33.84 -8.57
C ILE A 120 8.18 32.46 -8.35
N GLY A 121 7.52 31.66 -7.52
CA GLY A 121 8.01 30.33 -7.27
C GLY A 121 8.91 30.40 -6.07
N PRO A 122 9.70 29.34 -5.84
CA PRO A 122 10.41 29.25 -4.61
C PRO A 122 11.77 29.95 -4.64
N PRO A 123 12.36 30.15 -3.46
CA PRO A 123 13.68 30.75 -3.27
C PRO A 123 14.71 30.17 -4.20
N LEU A 124 15.60 31.01 -4.73
CA LEU A 124 16.59 30.56 -5.72
C LEU A 124 17.66 29.61 -5.15
N SER A 125 17.94 29.75 -3.86
CA SER A 125 18.95 28.92 -3.21
C SER A 125 18.52 27.46 -3.12
N ILE A 126 17.23 27.20 -3.04
CA ILE A 126 16.74 25.84 -3.04
C ILE A 126 16.58 25.19 -4.47
N ARG A 127 16.66 25.97 -5.55
CA ARG A 127 16.44 25.47 -6.92
C ARG A 127 17.59 24.66 -7.46
N MET A 128 17.27 23.68 -8.32
CA MET A 128 18.25 22.79 -8.94
C MET A 128 18.06 22.87 -10.44
N ASP A 129 19.14 22.68 -11.20
CA ASP A 129 19.05 22.62 -12.67
C ASP A 129 19.37 21.18 -13.19
N GLU A 130 19.45 20.99 -14.50
CA GLU A 130 19.62 19.65 -15.03
C GLU A 130 20.90 19.02 -14.51
N LYS A 131 21.97 19.81 -14.48
CA LYS A 131 23.26 19.33 -14.05
C LYS A 131 23.22 18.92 -12.57
N ASP A 132 22.42 19.62 -11.76
CA ASP A 132 22.24 19.21 -10.37
C ASP A 132 21.46 17.90 -10.27
N TYR A 133 20.43 17.72 -11.08
CA TYR A 133 19.66 16.51 -11.01
C TYR A 133 20.52 15.30 -11.39
N MET A 134 21.35 15.44 -12.41
CA MET A 134 22.09 14.30 -12.92
C MET A 134 23.27 13.99 -12.03
N GLY A 135 23.46 14.74 -10.95
CA GLY A 135 24.40 14.34 -9.89
C GLY A 135 23.74 13.33 -8.95
N TRP A 136 22.50 13.58 -8.58
CA TRP A 136 21.78 12.63 -7.74
C TRP A 136 21.36 11.40 -8.51
N PHE A 137 20.85 11.62 -9.72
CA PHE A 137 20.39 10.56 -10.63
C PHE A 137 21.54 10.02 -11.53
N SER A 138 22.67 9.72 -10.90
CA SER A 138 23.91 9.49 -11.62
C SER A 138 23.93 8.17 -12.40
N ASN A 139 23.01 7.26 -12.13
CA ASN A 139 22.89 6.03 -12.92
C ASN A 139 21.92 6.16 -14.11
N PHE A 140 21.61 7.38 -14.48
CA PHE A 140 20.64 7.66 -15.47
C PHE A 140 21.20 8.60 -16.54
N VAL A 141 20.49 8.70 -17.65
CA VAL A 141 20.81 9.64 -18.71
C VAL A 141 19.50 10.24 -19.21
N VAL A 142 19.58 11.47 -19.71
CA VAL A 142 18.43 12.16 -20.25
C VAL A 142 18.13 11.60 -21.63
N GLU A 143 16.85 11.29 -21.86
CA GLU A 143 16.34 10.75 -23.11
C GLU A 143 15.53 11.84 -23.89
N LYS A 144 14.83 12.73 -23.17
CA LYS A 144 14.16 13.87 -23.78
C LYS A 144 14.20 15.05 -22.86
N ARG A 145 14.06 16.26 -23.41
CA ARG A 145 13.78 17.46 -22.62
C ARG A 145 12.45 18.06 -23.05
N PHE A 146 11.89 18.95 -22.24
CA PHE A 146 10.64 19.60 -22.64
C PHE A 146 10.42 20.81 -21.80
N ASN A 147 9.43 21.63 -22.13
CA ASN A 147 9.27 22.92 -21.48
C ASN A 147 7.82 23.13 -20.99
N PRO A 148 7.53 22.65 -19.76
CA PRO A 148 6.20 22.71 -19.15
C PRO A 148 5.61 24.12 -19.07
N THR A 149 6.42 25.08 -18.62
CA THR A 149 6.10 26.50 -18.72
C THR A 149 7.40 27.23 -19.06
N PRO A 150 7.33 28.56 -19.25
CA PRO A 150 8.61 29.28 -19.40
C PRO A 150 9.51 29.20 -18.16
N TYR A 151 8.93 29.01 -16.98
CA TYR A 151 9.70 29.02 -15.72
C TYR A 151 10.14 27.64 -15.21
N HIS A 152 9.89 26.58 -15.99
CA HIS A 152 10.16 25.21 -15.57
C HIS A 152 10.91 24.48 -16.67
N PHE A 153 11.50 23.35 -16.30
CA PHE A 153 12.09 22.49 -17.28
C PHE A 153 11.66 21.09 -17.00
N GLY A 154 11.93 20.21 -17.95
CA GLY A 154 11.47 18.83 -17.87
C GLY A 154 12.47 17.90 -18.48
N LEU A 155 12.64 16.75 -17.85
CA LEU A 155 13.51 15.71 -18.33
C LEU A 155 12.78 14.41 -18.28
N VAL A 156 13.11 13.51 -19.20
CA VAL A 156 12.69 12.15 -19.12
C VAL A 156 13.98 11.38 -19.11
N LEU A 157 14.10 10.51 -18.11
CA LEU A 157 15.36 9.94 -17.75
C LEU A 157 15.23 8.46 -17.92
N LYS A 158 16.35 7.81 -18.22
CA LYS A 158 16.43 6.37 -18.30
C LYS A 158 17.74 5.85 -17.75
N ARG A 159 17.74 4.58 -17.40
CA ARG A 159 18.89 3.98 -16.75
C ARG A 159 20.06 3.88 -17.75
N LYS A 160 21.28 4.17 -17.32
CA LYS A 160 22.46 3.85 -18.10
C LYS A 160 22.46 2.35 -18.41
N THR A 161 22.62 1.99 -19.70
CA THR A 161 22.84 0.61 -20.11
C THR A 161 24.04 0.11 -19.31
N SER A 162 23.88 -1.03 -18.62
CA SER A 162 24.97 -1.62 -17.80
C SER A 162 25.50 -2.92 -18.41
N GLU A 163 26.80 -3.15 -18.25
CA GLU A 163 27.42 -4.40 -18.72
C GLU A 163 27.94 -5.28 -17.56
N GLY A 164 28.11 -4.70 -16.36
CA GLY A 164 28.64 -5.43 -15.21
C GLY A 164 27.69 -6.53 -14.74
N HIS A 165 27.67 -6.79 -13.43
CA HIS A 165 26.61 -7.61 -12.84
C HIS A 165 25.29 -6.82 -12.86
N HIS A 166 24.18 -7.50 -12.60
CA HIS A 166 22.87 -6.86 -12.45
C HIS A 166 22.24 -7.27 -11.11
N HIS A 167 22.62 -6.55 -10.06
CA HIS A 167 22.14 -6.85 -8.71
C HIS A 167 20.70 -6.36 -8.37
N HIS A 168 20.16 -5.43 -9.17
CA HIS A 168 18.75 -5.02 -9.08
C HIS A 168 17.83 -6.26 -8.96
N HIS A 169 17.14 -6.44 -7.84
CA HIS A 169 16.32 -7.62 -7.62
C HIS A 169 15.09 -7.54 -8.47
N HIS A 170 14.62 -8.67 -8.98
CA HIS A 170 13.32 -8.73 -9.62
C HIS A 170 12.48 -9.69 -8.79
N SER B 2 -8.61 -29.86 0.42
CA SER B 2 -9.09 -28.68 1.17
C SER B 2 -9.95 -29.11 2.35
N LEU B 3 -9.39 -29.00 3.55
CA LEU B 3 -10.15 -29.14 4.78
C LEU B 3 -11.13 -27.96 4.93
N GLU B 4 -10.65 -26.74 4.74
CA GLU B 4 -11.52 -25.57 4.80
C GLU B 4 -12.25 -25.40 3.43
N ARG B 5 -13.59 -25.25 3.46
CA ARG B 5 -14.42 -24.99 2.26
C ARG B 5 -15.14 -23.63 2.44
N PRO B 6 -14.40 -22.51 2.21
CA PRO B 6 -14.83 -21.16 2.61
C PRO B 6 -16.06 -20.62 1.90
N GLU B 7 -16.33 -21.21 0.74
CA GLU B 7 -17.62 -21.01 0.04
C GLU B 7 -18.84 -21.26 0.96
N GLU B 8 -18.65 -22.05 2.03
CA GLU B 8 -19.74 -22.46 2.94
C GLU B 8 -20.05 -21.50 4.09
N TYR B 9 -19.12 -20.58 4.39
CA TYR B 9 -19.33 -19.66 5.52
C TYR B 9 -19.00 -18.20 5.24
N LEU B 10 -18.07 -17.91 4.32
CA LEU B 10 -17.79 -16.52 3.96
C LEU B 10 -19.00 -15.72 3.44
N PRO B 11 -19.76 -16.27 2.48
CA PRO B 11 -20.84 -15.47 1.91
C PRO B 11 -21.82 -14.98 2.95
N ASN B 12 -22.23 -15.86 3.84
CA ASN B 12 -23.12 -15.42 4.89
C ASN B 12 -22.58 -14.20 5.66
N ILE B 13 -21.25 -14.09 5.76
CA ILE B 13 -20.64 -12.97 6.47
C ILE B 13 -20.66 -11.69 5.63
N PHE B 14 -20.25 -11.81 4.38
CA PHE B 14 -20.05 -10.64 3.53
C PHE B 14 -21.25 -10.16 2.70
N GLU B 15 -22.31 -10.98 2.63
CA GLU B 15 -23.38 -10.80 1.62
C GLU B 15 -23.92 -9.37 1.56
N GLY B 16 -24.54 -8.91 2.64
CA GLY B 16 -25.04 -7.53 2.63
C GLY B 16 -24.02 -6.48 2.19
N LYS B 17 -22.75 -6.74 2.54
CA LYS B 17 -21.75 -5.67 2.69
C LYS B 17 -20.42 -5.91 1.90
N LYS B 18 -20.41 -5.69 0.58
CA LYS B 18 -19.15 -5.68 -0.17
C LYS B 18 -18.39 -4.47 0.37
N GLY B 19 -17.05 -4.52 0.42
CA GLY B 19 -16.29 -3.40 1.02
C GLY B 19 -14.78 -3.53 1.06
N VAL B 20 -14.15 -2.66 1.86
CA VAL B 20 -12.69 -2.69 2.03
C VAL B 20 -12.34 -3.78 3.05
N ILE B 21 -11.58 -4.77 2.61
CA ILE B 21 -11.24 -5.94 3.40
C ILE B 21 -9.73 -6.02 3.63
N VAL B 22 -9.31 -6.55 4.76
CA VAL B 22 -7.92 -6.79 5.00
C VAL B 22 -7.76 -8.23 5.36
N ASP B 23 -6.93 -8.98 4.64
CA ASP B 23 -6.51 -10.34 5.06
C ASP B 23 -5.18 -10.18 5.85
N TYR B 24 -5.30 -10.27 7.17
CA TYR B 24 -4.20 -9.96 8.10
C TYR B 24 -3.49 -11.28 8.48
N GLY B 25 -2.30 -11.49 7.95
CA GLY B 25 -1.61 -12.74 8.11
C GLY B 25 -2.10 -13.66 7.01
N CYS B 26 -1.80 -13.29 5.77
CA CYS B 26 -2.42 -13.94 4.61
C CYS B 26 -1.68 -15.18 4.21
N GLY B 27 -0.39 -15.26 4.56
CA GLY B 27 0.43 -16.45 4.38
C GLY B 27 0.26 -17.16 3.05
N ASN B 28 -0.20 -18.40 3.19
CA ASN B 28 -0.61 -19.27 2.08
C ASN B 28 -1.29 -18.50 0.91
N GLY B 29 -2.23 -17.59 1.22
CA GLY B 29 -2.99 -16.84 0.20
C GLY B 29 -4.24 -17.61 -0.18
N PHE B 30 -4.58 -18.58 0.65
CA PHE B 30 -5.71 -19.43 0.45
C PHE B 30 -6.98 -18.63 0.34
N TYR B 31 -7.18 -17.69 1.23
CA TYR B 31 -8.47 -17.01 1.31
C TYR B 31 -8.69 -15.91 0.27
N CYS B 32 -7.62 -15.50 -0.40
CA CYS B 32 -7.70 -14.38 -1.33
C CYS B 32 -8.74 -14.50 -2.46
N LYS B 33 -8.84 -15.66 -3.12
CA LYS B 33 -9.81 -15.78 -4.21
C LYS B 33 -11.23 -15.70 -3.69
N TYR B 34 -11.44 -16.19 -2.48
CA TYR B 34 -12.77 -16.09 -1.91
C TYR B 34 -13.07 -14.66 -1.51
N LEU B 35 -12.09 -13.94 -0.99
CA LEU B 35 -12.29 -12.52 -0.59
C LEU B 35 -12.39 -11.54 -1.77
N LEU B 36 -11.74 -11.89 -2.88
CA LEU B 36 -11.80 -11.07 -4.09
C LEU B 36 -13.23 -10.84 -4.57
N GLU B 37 -14.08 -11.85 -4.47
CA GLU B 37 -15.47 -11.69 -4.91
C GLU B 37 -16.27 -10.74 -3.99
N PHE B 38 -15.66 -10.19 -2.93
CA PHE B 38 -16.39 -9.32 -1.99
C PHE B 38 -15.74 -7.97 -1.69
N ALA B 39 -14.54 -7.76 -2.21
CA ALA B 39 -13.71 -6.63 -1.80
C ALA B 39 -13.69 -5.51 -2.86
N THR B 40 -14.11 -4.30 -2.45
CA THR B 40 -13.84 -3.07 -3.20
C THR B 40 -12.34 -2.81 -3.19
N LYS B 41 -11.67 -3.00 -2.06
CA LYS B 41 -10.20 -3.12 -2.00
C LYS B 41 -9.82 -4.32 -1.16
N LEU B 42 -8.75 -5.00 -1.54
CA LEU B 42 -8.24 -6.12 -0.78
C LEU B 42 -6.79 -5.87 -0.43
N TYR B 43 -6.51 -5.83 0.87
CA TYR B 43 -5.15 -5.75 1.38
C TYR B 43 -4.76 -7.13 1.92
N CYS B 44 -3.57 -7.58 1.57
CA CYS B 44 -2.95 -8.74 2.15
C CYS B 44 -1.71 -8.35 2.95
N ILE B 45 -1.72 -8.63 4.24
CA ILE B 45 -0.60 -8.38 5.12
C ILE B 45 0.13 -9.66 5.55
N ASP B 46 1.43 -9.69 5.38
CA ASP B 46 2.22 -10.75 5.97
C ASP B 46 3.67 -10.32 6.11
N ILE B 47 4.23 -10.66 7.26
CA ILE B 47 5.64 -10.46 7.53
C ILE B 47 6.51 -11.30 6.57
N ASN B 48 6.03 -12.46 6.17
CA ASN B 48 6.75 -13.35 5.25
C ASN B 48 6.81 -12.78 3.82
N VAL B 49 7.98 -12.29 3.43
CA VAL B 49 8.19 -11.58 2.14
C VAL B 49 7.88 -12.48 0.91
N ILE B 50 8.24 -13.75 0.96
CA ILE B 50 7.97 -14.66 -0.14
C ILE B 50 6.47 -15.03 -0.24
N ALA B 51 5.80 -15.19 0.89
CA ALA B 51 4.35 -15.45 0.84
C ALA B 51 3.67 -14.34 0.05
N LEU B 52 4.09 -13.10 0.27
CA LEU B 52 3.51 -11.97 -0.43
C LEU B 52 3.78 -12.03 -1.92
N LYS B 53 4.97 -12.50 -2.27
CA LYS B 53 5.38 -12.57 -3.65
C LYS B 53 4.40 -13.45 -4.45
N GLU B 54 4.09 -14.62 -3.91
CA GLU B 54 3.15 -15.57 -4.48
C GLU B 54 1.78 -14.96 -4.58
N VAL B 55 1.36 -14.15 -3.60
CA VAL B 55 0.09 -13.44 -3.73
C VAL B 55 0.13 -12.42 -4.89
N LYS B 56 1.19 -11.66 -5.00
CA LYS B 56 1.36 -10.73 -6.12
C LYS B 56 1.37 -11.43 -7.48
N GLU B 57 1.91 -12.63 -7.56
CA GLU B 57 2.08 -13.31 -8.84
C GLU B 57 0.73 -13.78 -9.37
N LYS B 58 -0.23 -14.03 -8.45
CA LYS B 58 -1.55 -14.61 -8.77
C LYS B 58 -2.75 -13.66 -8.75
N PHE B 59 -2.60 -12.51 -8.08
CA PHE B 59 -3.71 -11.61 -7.83
C PHE B 59 -3.26 -10.17 -7.87
N ASP B 60 -3.25 -9.57 -9.05
CA ASP B 60 -2.59 -8.28 -9.25
C ASP B 60 -3.31 -7.06 -8.64
N SER B 61 -4.62 -7.15 -8.48
CA SER B 61 -5.37 -6.10 -7.81
C SER B 61 -5.11 -5.99 -6.26
N VAL B 62 -4.56 -7.06 -5.68
CA VAL B 62 -4.33 -7.14 -4.22
C VAL B 62 -3.26 -6.13 -3.81
N ILE B 63 -3.49 -5.43 -2.71
CA ILE B 63 -2.45 -4.56 -2.19
C ILE B 63 -1.69 -5.33 -1.09
N THR B 64 -0.46 -5.73 -1.36
CA THR B 64 0.37 -6.50 -0.42
C THR B 64 1.18 -5.57 0.46
N LEU B 65 1.14 -5.79 1.78
CA LEU B 65 1.85 -4.97 2.72
C LEU B 65 2.58 -5.84 3.72
N SER B 66 3.76 -5.40 4.15
CA SER B 66 4.51 -6.07 5.22
C SER B 66 3.86 -5.83 6.57
N ASP B 67 2.95 -4.88 6.63
CA ASP B 67 2.48 -4.33 7.87
C ASP B 67 1.30 -3.37 7.55
N PRO B 68 0.42 -3.09 8.51
CA PRO B 68 -0.72 -2.26 8.19
C PRO B 68 -0.52 -0.74 8.26
N LYS B 69 0.69 -0.28 8.50
CA LYS B 69 0.95 1.14 8.61
C LYS B 69 0.31 2.02 7.50
N GLU B 70 0.44 1.65 6.24
CA GLU B 70 0.05 2.57 5.15
C GLU B 70 -1.44 2.51 4.81
N ILE B 71 -2.18 1.64 5.50
CA ILE B 71 -3.60 1.56 5.38
C ILE B 71 -4.19 2.71 6.18
N PRO B 72 -5.06 3.50 5.54
CA PRO B 72 -5.55 4.73 6.15
C PRO B 72 -6.43 4.51 7.38
N ASP B 73 -6.47 5.52 8.23
CA ASP B 73 -7.30 5.47 9.41
C ASP B 73 -8.74 5.24 9.01
N ASN B 74 -9.46 4.43 9.78
CA ASN B 74 -10.92 4.39 9.75
C ASN B 74 -11.39 4.19 8.33
N SER B 75 -10.79 3.24 7.61
CA SER B 75 -11.07 3.01 6.21
C SER B 75 -11.51 1.58 5.89
N VAL B 76 -11.65 0.69 6.90
CA VAL B 76 -11.75 -0.74 6.63
C VAL B 76 -13.04 -1.36 7.20
N ASP B 77 -13.65 -2.22 6.39
CA ASP B 77 -14.95 -2.82 6.72
C ASP B 77 -14.82 -4.17 7.41
N PHE B 78 -14.03 -5.05 6.81
CA PHE B 78 -13.70 -6.33 7.38
C PHE B 78 -12.17 -6.64 7.47
N ILE B 79 -11.76 -7.26 8.57
CA ILE B 79 -10.40 -7.73 8.79
C ILE B 79 -10.50 -9.20 9.12
N LEU B 80 -9.88 -10.04 8.32
CA LEU B 80 -9.84 -11.46 8.59
C LEU B 80 -8.51 -11.86 9.23
N PHE B 81 -8.63 -12.66 10.28
CA PHE B 81 -7.51 -13.37 10.89
C PHE B 81 -7.79 -14.83 10.77
N ALA B 82 -7.22 -15.46 9.75
CA ALA B 82 -7.42 -16.88 9.46
C ALA B 82 -6.22 -17.70 9.87
N ASN B 83 -6.32 -18.34 11.01
CA ASN B 83 -5.24 -19.18 11.57
C ASN B 83 -3.95 -18.47 11.69
N SER B 84 -4.01 -17.17 11.96
CA SER B 84 -2.81 -16.34 11.85
C SER B 84 -2.50 -15.54 13.09
N PHE B 85 -3.47 -15.20 13.94
CA PHE B 85 -3.19 -14.35 15.08
C PHE B 85 -2.31 -15.03 16.11
N HIS B 86 -2.55 -16.31 16.36
CA HIS B 86 -1.90 -16.97 17.45
C HIS B 86 -0.40 -16.96 17.38
N ASP B 87 0.19 -16.95 16.19
CA ASP B 87 1.65 -16.87 16.16
C ASP B 87 2.21 -15.55 15.65
N MET B 88 1.37 -14.52 15.64
CA MET B 88 1.75 -13.24 15.11
C MET B 88 2.59 -12.46 16.11
N ASP B 89 3.62 -11.80 15.58
CA ASP B 89 4.44 -10.86 16.30
C ASP B 89 3.67 -9.60 16.78
N ASP B 90 4.12 -9.01 17.88
CA ASP B 90 3.59 -7.79 18.39
C ASP B 90 2.03 -7.74 18.48
N LYS B 91 1.47 -8.63 19.24
CA LYS B 91 0.05 -8.73 19.30
C LYS B 91 -0.61 -7.43 19.75
N GLN B 92 0.01 -6.68 20.70
CA GLN B 92 -0.60 -5.42 21.13
CA GLN B 92 -0.53 -5.38 21.16
C GLN B 92 -0.52 -4.37 20.01
N HIS B 93 0.57 -4.38 19.24
CA HIS B 93 0.66 -3.49 18.06
C HIS B 93 -0.41 -3.86 17.02
N VAL B 94 -0.67 -5.16 16.86
CA VAL B 94 -1.70 -5.59 15.93
C VAL B 94 -3.11 -5.12 16.34
N ILE B 95 -3.53 -5.34 17.58
CA ILE B 95 -4.80 -4.83 18.10
C ILE B 95 -4.92 -3.34 17.95
N SER B 96 -3.88 -2.62 18.35
CA SER B 96 -3.85 -1.21 18.10
C SER B 96 -4.09 -0.75 16.63
N GLU B 97 -3.49 -1.44 15.68
CA GLU B 97 -3.66 -1.13 14.26
C GLU B 97 -5.02 -1.55 13.73
N VAL B 98 -5.49 -2.70 14.21
CA VAL B 98 -6.83 -3.14 13.94
C VAL B 98 -7.80 -2.01 14.37
N LYS B 99 -7.62 -1.46 15.56
CA LYS B 99 -8.55 -0.42 16.00
C LYS B 99 -8.44 0.82 15.20
N ARG B 100 -7.25 1.15 14.69
CA ARG B 100 -7.10 2.42 13.98
C ARG B 100 -7.69 2.35 12.56
N ILE B 101 -7.53 1.20 11.88
CA ILE B 101 -7.91 1.13 10.48
C ILE B 101 -9.36 0.75 10.31
N LEU B 102 -9.93 0.00 11.26
CA LEU B 102 -11.33 -0.44 11.16
C LEU B 102 -12.33 0.75 11.32
N LYS B 103 -13.41 0.75 10.55
CA LYS B 103 -14.49 1.76 10.73
C LYS B 103 -15.23 1.53 12.05
N ASP B 104 -16.03 2.50 12.45
CA ASP B 104 -16.86 2.30 13.66
C ASP B 104 -17.79 1.10 13.56
N ASP B 105 -18.30 0.80 12.38
CA ASP B 105 -19.22 -0.30 12.15
C ASP B 105 -18.51 -1.49 11.47
N GLY B 106 -17.19 -1.55 11.59
CA GLY B 106 -16.44 -2.60 10.89
C GLY B 106 -16.55 -3.88 11.68
N ARG B 107 -16.13 -4.98 11.07
CA ARG B 107 -16.19 -6.31 11.68
C ARG B 107 -14.82 -7.02 11.60
N VAL B 108 -14.45 -7.74 12.67
CA VAL B 108 -13.29 -8.61 12.64
C VAL B 108 -13.74 -10.06 12.56
N ILE B 109 -13.18 -10.81 11.63
CA ILE B 109 -13.48 -12.23 11.50
C ILE B 109 -12.30 -13.04 11.98
N ILE B 110 -12.49 -13.86 13.02
CA ILE B 110 -11.49 -14.81 13.47
C ILE B 110 -11.83 -16.24 13.04
N ILE B 111 -10.90 -16.89 12.38
CA ILE B 111 -10.89 -18.34 12.23
C ILE B 111 -9.60 -18.87 12.82
N ASP B 112 -9.69 -19.88 13.67
CA ASP B 112 -8.52 -20.51 14.21
C ASP B 112 -8.88 -21.90 14.68
N TRP B 113 -7.83 -22.68 14.93
CA TRP B 113 -7.89 -24.05 15.38
C TRP B 113 -8.44 -24.20 16.78
N ARG B 114 -9.22 -25.25 17.05
CA ARG B 114 -9.73 -25.41 18.42
C ARG B 114 -8.54 -25.76 19.31
N LYS B 115 -8.65 -25.37 20.58
CA LYS B 115 -7.63 -25.55 21.57
C LYS B 115 -7.79 -26.91 22.26
N GLU B 116 -7.66 -27.96 21.45
CA GLU B 116 -7.68 -29.36 21.91
C GLU B 116 -6.77 -30.10 20.96
N ASN B 117 -6.45 -31.35 21.26
CA ASN B 117 -5.56 -32.07 20.36
C ASN B 117 -6.38 -32.71 19.27
N THR B 118 -6.33 -32.11 18.08
CA THR B 118 -7.10 -32.55 16.91
C THR B 118 -6.19 -33.34 15.97
N GLY B 119 -4.94 -33.58 16.38
CA GLY B 119 -4.05 -34.42 15.63
C GLY B 119 -3.45 -33.64 14.49
N ILE B 120 -4.31 -33.16 13.60
CA ILE B 120 -3.85 -32.23 12.58
C ILE B 120 -3.80 -30.84 13.21
N GLY B 121 -2.99 -29.99 12.58
CA GLY B 121 -2.91 -28.57 12.90
C GLY B 121 -1.64 -28.22 13.67
N PRO B 122 -1.52 -26.97 14.10
CA PRO B 122 -0.30 -26.56 14.79
C PRO B 122 -0.20 -27.13 16.22
N PRO B 123 0.97 -27.04 16.84
CA PRO B 123 1.11 -27.61 18.18
C PRO B 123 0.11 -27.03 19.16
N LEU B 124 -0.37 -27.85 20.07
CA LEU B 124 -1.46 -27.44 20.95
C LEU B 124 -1.11 -26.21 21.78
N SER B 125 0.16 -26.05 22.15
CA SER B 125 0.65 -24.91 22.96
C SER B 125 0.47 -23.53 22.37
N ILE B 126 0.56 -23.42 21.06
CA ILE B 126 0.47 -22.13 20.43
C ILE B 126 -0.98 -21.72 20.15
N ARG B 127 -1.96 -22.57 20.50
CA ARG B 127 -3.36 -22.34 20.11
C ARG B 127 -4.13 -21.52 21.09
N MET B 128 -5.12 -20.82 20.56
CA MET B 128 -5.98 -19.93 21.32
C MET B 128 -7.46 -20.23 21.04
N ASP B 129 -8.28 -20.27 22.11
CA ASP B 129 -9.72 -20.40 21.96
C ASP B 129 -10.38 -19.04 21.99
N GLU B 130 -11.71 -19.03 21.82
CA GLU B 130 -12.50 -17.82 21.98
C GLU B 130 -12.07 -16.99 23.15
N LYS B 131 -11.99 -17.61 24.31
CA LYS B 131 -11.73 -16.83 25.50
C LYS B 131 -10.38 -16.11 25.37
N ASP B 132 -9.38 -16.80 24.82
CA ASP B 132 -8.05 -16.19 24.58
C ASP B 132 -8.14 -15.03 23.60
N TYR B 133 -8.94 -15.20 22.55
CA TYR B 133 -9.08 -14.18 21.57
C TYR B 133 -9.67 -12.95 22.23
N MET B 134 -10.66 -13.11 23.07
CA MET B 134 -11.34 -11.93 23.62
C MET B 134 -10.53 -11.17 24.70
N GLY B 135 -9.51 -11.81 25.28
CA GLY B 135 -8.51 -11.11 26.06
C GLY B 135 -7.76 -10.09 25.22
N TRP B 136 -7.41 -10.43 23.98
CA TRP B 136 -6.74 -9.49 23.07
C TRP B 136 -7.69 -8.47 22.40
N PHE B 137 -8.81 -9.00 21.95
CA PHE B 137 -9.78 -8.19 21.28
C PHE B 137 -10.80 -7.73 22.30
N SER B 138 -10.30 -7.09 23.36
CA SER B 138 -11.11 -6.73 24.54
C SER B 138 -12.02 -5.50 24.39
N ASN B 139 -11.88 -4.74 23.30
CA ASN B 139 -12.81 -3.65 22.97
C ASN B 139 -13.84 -4.13 21.94
N PHE B 140 -14.06 -5.45 21.91
CA PHE B 140 -14.94 -6.05 20.91
C PHE B 140 -15.81 -7.07 21.56
N VAL B 141 -16.94 -7.33 20.95
CA VAL B 141 -17.84 -8.41 21.41
C VAL B 141 -18.13 -9.34 20.26
N VAL B 142 -18.36 -10.60 20.58
CA VAL B 142 -18.82 -11.56 19.58
C VAL B 142 -20.24 -11.25 19.18
N GLU B 143 -20.44 -11.17 17.87
CA GLU B 143 -21.74 -10.95 17.26
C GLU B 143 -22.29 -12.28 16.72
N LYS B 144 -21.49 -13.03 15.96
CA LYS B 144 -21.86 -14.37 15.53
C LYS B 144 -20.76 -15.40 15.83
N ARG B 145 -21.15 -16.67 15.88
CA ARG B 145 -20.19 -17.80 15.90
C ARG B 145 -20.49 -18.77 14.80
N PHE B 146 -19.46 -19.48 14.34
CA PHE B 146 -19.62 -20.47 13.28
C PHE B 146 -18.49 -21.49 13.31
N ASN B 147 -18.71 -22.65 12.69
CA ASN B 147 -17.78 -23.76 12.71
C ASN B 147 -17.34 -24.08 11.29
N PRO B 148 -16.30 -23.39 10.81
CA PRO B 148 -15.75 -23.58 9.45
C PRO B 148 -15.45 -25.02 9.14
N THR B 149 -14.87 -25.73 10.11
CA THR B 149 -14.56 -27.13 10.01
C THR B 149 -14.77 -27.75 11.38
N PRO B 150 -14.55 -29.06 11.52
CA PRO B 150 -14.78 -29.69 12.82
C PRO B 150 -13.57 -29.55 13.75
N TYR B 151 -12.48 -28.97 13.24
CA TYR B 151 -11.33 -28.67 14.06
C TYR B 151 -11.09 -27.16 14.26
N HIS B 152 -11.94 -26.32 13.70
CA HIS B 152 -11.77 -24.87 13.78
C HIS B 152 -12.99 -24.22 14.39
N PHE B 153 -12.81 -23.07 14.99
CA PHE B 153 -13.91 -22.24 15.40
C PHE B 153 -13.78 -20.96 14.64
N GLY B 154 -14.83 -20.15 14.70
CA GLY B 154 -14.97 -18.95 13.88
C GLY B 154 -15.78 -17.91 14.65
N LEU B 155 -15.33 -16.66 14.65
CA LEU B 155 -16.07 -15.58 15.29
C LEU B 155 -16.21 -14.40 14.33
N VAL B 156 -17.30 -13.66 14.51
CA VAL B 156 -17.46 -12.39 13.88
C VAL B 156 -17.59 -11.47 15.06
N LEU B 157 -16.84 -10.38 15.03
CA LEU B 157 -16.67 -9.53 16.16
C LEU B 157 -17.01 -8.11 15.73
N LYS B 158 -17.65 -7.34 16.61
CA LYS B 158 -17.91 -5.92 16.38
C LYS B 158 -17.39 -5.15 17.55
N ARG B 159 -17.20 -3.84 17.38
CA ARG B 159 -16.72 -3.01 18.46
C ARG B 159 -17.70 -2.90 19.61
N LYS B 160 -17.22 -2.95 20.85
CA LYS B 160 -18.08 -2.59 21.99
C LYS B 160 -18.66 -1.19 21.80
N THR B 161 -19.96 -1.01 22.08
CA THR B 161 -20.59 0.32 22.07
C THR B 161 -20.00 1.17 23.22
N SER B 162 -19.54 2.39 22.92
CA SER B 162 -18.92 3.27 23.96
C SER B 162 -19.70 4.56 24.23
N GLU B 163 -20.07 4.75 25.50
CA GLU B 163 -20.68 6.01 25.95
C GLU B 163 -19.72 7.23 25.86
N GLY B 164 -18.44 7.03 26.18
CA GLY B 164 -17.52 8.16 26.48
C GLY B 164 -17.01 9.00 25.31
N HIS B 165 -15.75 9.42 25.42
CA HIS B 165 -15.06 10.04 24.31
C HIS B 165 -14.92 9.04 23.16
N HIS B 166 -14.73 9.57 21.96
CA HIS B 166 -14.44 8.75 20.79
C HIS B 166 -13.19 9.36 20.18
N HIS B 167 -12.04 8.87 20.63
CA HIS B 167 -10.73 9.41 20.23
C HIS B 167 -10.18 8.81 18.92
N HIS B 168 -10.76 7.68 18.54
CA HIS B 168 -10.56 7.04 17.23
C HIS B 168 -10.60 8.02 16.07
N HIS B 169 -9.46 8.29 15.43
CA HIS B 169 -9.38 9.31 14.40
C HIS B 169 -10.12 8.89 13.17
N HIS B 170 -10.77 9.86 12.55
CA HIS B 170 -11.49 9.64 11.30
C HIS B 170 -10.80 10.46 10.22
#